data_7LY5
#
_entry.id   7LY5
#
_cell.length_a   85.524
_cell.length_b   85.524
_cell.length_c   415.188
_cell.angle_alpha   90.000
_cell.angle_beta   90.000
_cell.angle_gamma   120.000
#
_symmetry.space_group_name_H-M   'H 3 2'
#
loop_
_entity.id
_entity.type
_entity.pdbx_description
1 polymer 'BmdC, oxidase'
2 polymer 'BmdB, Bacillamide NRPS'
3 non-polymer 'FLAVIN MONONUCLEOTIDE'
4 water water
#
loop_
_entity_poly.entity_id
_entity_poly.type
_entity_poly.pdbx_seq_one_letter_code
_entity_poly.pdbx_strand_id
1 'polypeptide(L)'
;KIQLETSGALPDIIQKRRSCRRFDMKTPVSFATFSNLLSSLKQRKEDKILYNYASAGGLYPIDVFVYVKPRRVEGVKAGF
YYFNPADHSLVLVNNIDQVIKDDHELINQDIFAQSAFSVYLVYNARASMPKYGAAGYFYACIEAGIITATLNMVAEDLNV
GLCSIGHMNFEEIQTFLKLEDHQVILHAIEGGLKIDGAAAENLYFQ
;
B
2 'polypeptide(L)'
;GAMEYNATAEPIPAATLHQLFIDQAQRTPDQVAVVFEQEWLTYSELDQRSNQVARFLQSRGIGRGDRVGVLAKRQVETII
NLMAVLKAGAAYVPIDPDHPYERQTYILENSSCKILLDSDLYETMEISSYADGDLTPVAEPEDTAYVIYTSGSTGRPKGV
IITHQAASNTIQDINRKFEVNEEDRIIGISSMCFDLSVYDIFGTLSAGATLVMIRDPRDMRELVRTVERRGITIWNTVPA
IMDLALDHVGSHFENISLRLVLLSGDWIPLPLPAKINRHFPVADVISL
;
A
#
loop_
_chem_comp.id
_chem_comp.type
_chem_comp.name
_chem_comp.formula
FMN non-polymer 'FLAVIN MONONUCLEOTIDE' 'C17 H21 N4 O9 P'
#
# COMPACT_ATOMS: atom_id res chain seq x y z
N LYS A 1 60.54 15.85 5.08
CA LYS A 1 60.79 14.43 5.29
C LYS A 1 60.69 14.11 6.79
N ILE A 2 59.46 13.94 7.28
CA ILE A 2 59.19 13.82 8.70
C ILE A 2 58.37 12.56 8.96
N GLN A 3 58.49 12.04 10.18
CA GLN A 3 57.74 10.88 10.62
C GLN A 3 56.89 11.24 11.83
N LEU A 4 55.73 10.61 11.94
CA LEU A 4 54.77 10.89 12.99
C LEU A 4 54.52 9.73 13.91
N GLU A 5 53.99 10.04 15.09
CA GLU A 5 53.70 9.01 16.07
C GLU A 5 52.56 8.13 15.58
N THR A 6 52.84 6.84 15.44
CA THR A 6 51.81 5.83 15.30
C THR A 6 51.42 5.23 16.65
N SER A 7 51.81 5.89 17.74
CA SER A 7 51.72 5.35 19.09
C SER A 7 50.77 6.20 19.91
N GLY A 8 49.49 5.87 19.87
CA GLY A 8 48.54 6.53 20.76
C GLY A 8 47.13 6.48 20.21
N ALA A 9 46.30 7.34 20.81
CA ALA A 9 44.89 7.50 20.45
C ALA A 9 44.03 6.34 20.94
N LEU A 10 42.74 6.60 21.18
CA LEU A 10 41.78 5.58 21.58
C LEU A 10 40.52 5.73 20.72
N PRO A 11 40.59 5.33 19.44
CA PRO A 11 39.39 5.37 18.59
C PRO A 11 38.34 4.35 18.98
N ASP A 12 37.18 4.82 19.43
CA ASP A 12 36.08 3.96 19.87
C ASP A 12 34.85 4.07 18.96
N ILE A 13 34.42 5.29 18.64
CA ILE A 13 33.31 5.48 17.70
C ILE A 13 33.79 5.70 16.27
N ILE A 14 35.10 5.80 16.06
CA ILE A 14 35.66 6.03 14.74
C ILE A 14 36.29 4.76 14.17
N GLN A 15 36.96 3.90 14.86
CA GLN A 15 37.56 2.65 14.40
C GLN A 15 36.61 1.47 14.54
N LYS A 16 35.78 1.53 15.74
CA LYS A 16 34.77 0.48 15.87
C LYS A 16 33.66 0.60 14.86
N ARG A 17 33.66 1.65 14.02
CA ARG A 17 32.68 1.79 12.95
C ARG A 17 33.23 1.23 11.65
N ARG A 18 32.32 0.85 10.77
CA ARG A 18 32.66 0.29 9.45
C ARG A 18 31.37 0.11 8.67
N SER A 19 31.45 0.19 7.35
CA SER A 19 30.29 -0.03 6.50
C SER A 19 29.71 -1.42 6.74
N CYS A 20 28.55 -1.47 7.35
CA CYS A 20 27.93 -2.72 7.63
C CYS A 20 26.96 -3.09 6.57
N ARG A 21 26.85 -4.34 6.30
CA ARG A 21 25.96 -4.78 5.23
C ARG A 21 25.14 -6.02 5.59
N ARG A 22 25.35 -6.60 6.76
CA ARG A 22 24.55 -7.72 7.24
C ARG A 22 23.88 -7.30 8.53
N PHE A 23 22.57 -7.50 8.60
CA PHE A 23 21.76 -7.03 9.71
C PHE A 23 20.96 -8.21 10.27
N ASP A 24 20.65 -8.12 11.56
CA ASP A 24 19.68 -9.04 12.15
C ASP A 24 18.29 -8.62 11.70
N MET A 25 17.71 -9.39 10.79
CA MET A 25 16.41 -9.06 10.25
C MET A 25 15.27 -9.42 11.20
N LYS A 26 15.59 -9.80 12.42
CA LYS A 26 14.61 -10.28 13.40
C LYS A 26 14.43 -9.35 14.59
N THR A 27 15.51 -8.78 15.12
CA THR A 27 15.39 -7.92 16.28
C THR A 27 14.96 -6.52 15.86
N PRO A 28 13.88 -5.97 16.44
CA PRO A 28 13.50 -4.59 16.10
C PRO A 28 14.44 -3.58 16.75
N VAL A 29 14.59 -2.43 16.11
CA VAL A 29 15.41 -1.31 16.65
C VAL A 29 14.53 -0.68 17.72
N SER A 30 14.93 -0.77 18.99
CA SER A 30 14.16 -0.24 20.10
C SER A 30 13.85 1.23 19.89
N PHE A 31 12.64 1.64 20.27
CA PHE A 31 12.21 3.02 20.03
C PHE A 31 13.19 4.02 20.64
N ALA A 32 13.91 3.61 21.69
CA ALA A 32 14.95 4.47 22.25
C ALA A 32 16.12 4.61 21.28
N THR A 33 16.77 3.49 20.94
CA THR A 33 17.87 3.49 20.00
C THR A 33 17.55 4.34 18.78
N PHE A 34 16.45 4.05 18.10
CA PHE A 34 16.05 4.79 16.89
C PHE A 34 15.94 6.28 17.20
N SER A 35 15.24 6.65 18.27
CA SER A 35 14.98 8.09 18.58
C SER A 35 16.27 8.78 19.02
N ASN A 36 17.32 8.03 19.33
CA ASN A 36 18.59 8.65 19.67
C ASN A 36 19.53 8.74 18.47
N LEU A 37 19.65 7.66 17.70
CA LEU A 37 20.39 7.76 16.44
C LEU A 37 19.96 9.00 15.66
N LEU A 38 18.69 9.36 15.79
CA LEU A 38 18.09 10.52 15.08
C LEU A 38 18.21 11.80 15.91
N SER A 39 18.83 11.74 17.08
CA SER A 39 19.01 12.90 17.99
C SER A 39 20.03 13.87 17.37
N SER A 40 21.01 13.30 16.68
CA SER A 40 22.13 14.00 16.02
C SER A 40 21.67 15.29 15.33
N LEU A 41 20.65 15.26 14.51
CA LEU A 41 20.20 16.48 13.80
C LEU A 41 19.08 17.12 14.60
N LYS A 42 19.21 17.17 15.93
CA LYS A 42 18.09 17.56 16.78
C LYS A 42 17.62 18.99 16.51
N GLN A 43 18.56 19.92 16.36
CA GLN A 43 18.28 21.38 16.28
C GLN A 43 18.01 21.86 17.71
N ILE A 49 18.75 29.30 16.22
CA ILE A 49 18.98 27.90 15.79
C ILE A 49 20.36 27.45 16.24
N LEU A 50 20.56 26.16 16.53
CA LEU A 50 21.85 25.53 16.92
C LEU A 50 21.73 24.02 16.70
N TYR A 51 22.66 23.37 16.01
CA TYR A 51 22.64 21.90 15.76
C TYR A 51 23.89 21.26 16.37
N ASN A 52 24.10 19.96 16.17
CA ASN A 52 25.27 19.26 16.67
C ASN A 52 26.30 18.97 15.58
N TYR A 53 26.20 19.65 14.44
CA TYR A 53 27.15 19.47 13.35
C TYR A 53 27.30 20.78 12.60
N ALA A 54 28.39 20.87 11.84
CA ALA A 54 28.70 22.11 11.15
C ALA A 54 27.84 22.26 9.90
N SER A 55 27.68 23.53 9.48
CA SER A 55 26.90 23.87 8.29
C SER A 55 27.35 25.23 7.79
N ALA A 56 27.50 25.34 6.48
CA ALA A 56 28.07 26.55 5.87
C ALA A 56 27.12 27.73 6.10
N GLY A 57 27.54 28.66 6.95
CA GLY A 57 26.79 29.88 7.16
C GLY A 57 25.52 29.74 7.97
N GLY A 58 25.47 28.76 8.87
CA GLY A 58 24.27 28.55 9.66
C GLY A 58 23.03 28.36 8.82
N LEU A 59 23.14 27.62 7.71
CA LEU A 59 22.02 27.43 6.81
C LEU A 59 21.31 26.09 7.01
N TYR A 60 22.05 25.03 7.26
CA TYR A 60 21.49 23.72 7.57
C TYR A 60 20.37 23.34 6.58
N PRO A 61 20.69 23.28 5.29
CA PRO A 61 19.65 23.04 4.28
C PRO A 61 19.35 21.59 3.99
N ILE A 62 20.02 20.65 4.66
CA ILE A 62 19.87 19.22 4.39
C ILE A 62 18.62 18.75 5.11
N ASP A 63 17.53 18.55 4.36
CA ASP A 63 16.34 17.90 4.90
C ASP A 63 16.49 16.40 4.84
N VAL A 64 16.08 15.73 5.92
CA VAL A 64 16.31 14.30 6.09
C VAL A 64 14.96 13.58 6.09
N PHE A 65 14.93 12.45 5.40
CA PHE A 65 13.77 11.57 5.33
C PHE A 65 14.21 10.16 5.69
N VAL A 66 13.26 9.32 6.02
CA VAL A 66 13.59 7.92 6.37
C VAL A 66 12.47 7.02 5.89
N TYR A 67 12.83 5.82 5.48
CA TYR A 67 11.89 4.77 5.18
C TYR A 67 12.06 3.64 6.20
N VAL A 68 10.93 3.11 6.67
CA VAL A 68 10.91 2.11 7.74
C VAL A 68 10.24 0.86 7.21
N LYS A 69 10.91 -0.27 7.35
CA LYS A 69 10.36 -1.55 6.93
C LYS A 69 9.31 -2.05 7.91
N PRO A 70 8.41 -2.93 7.48
CA PRO A 70 7.32 -3.38 8.35
C PRO A 70 7.84 -4.06 9.61
N ARG A 71 7.47 -3.50 10.76
CA ARG A 71 7.64 -4.16 12.06
C ARG A 71 9.11 -4.42 12.38
N ARG A 72 9.99 -3.51 11.98
CA ARG A 72 11.42 -3.65 12.26
C ARG A 72 11.95 -2.50 13.10
N VAL A 73 11.08 -1.66 13.65
CA VAL A 73 11.47 -0.53 14.54
C VAL A 73 10.32 -0.33 15.54
N GLU A 74 10.49 -0.80 16.78
CA GLU A 74 9.43 -0.68 17.77
C GLU A 74 8.87 0.73 17.79
N GLY A 75 7.55 0.84 17.66
CA GLY A 75 6.86 2.10 17.80
C GLY A 75 6.67 2.90 16.53
N VAL A 76 7.08 2.37 15.38
CA VAL A 76 6.98 3.11 14.12
C VAL A 76 6.34 2.20 13.08
N LYS A 77 5.15 2.59 12.61
CA LYS A 77 4.56 1.93 11.46
C LYS A 77 5.45 2.11 10.24
N ALA A 78 5.41 1.13 9.34
CA ALA A 78 6.14 1.23 8.09
C ALA A 78 5.64 2.43 7.30
N GLY A 79 6.56 3.05 6.57
CA GLY A 79 6.20 4.14 5.68
C GLY A 79 7.35 5.10 5.51
N PHE A 80 7.08 6.13 4.70
CA PHE A 80 8.02 7.22 4.47
C PHE A 80 7.72 8.36 5.44
N TYR A 81 8.75 8.85 6.12
CA TYR A 81 8.59 9.90 7.11
C TYR A 81 9.52 11.06 6.81
N TYR A 82 9.09 12.26 7.21
CA TYR A 82 9.91 13.46 7.17
C TYR A 82 10.26 13.85 8.60
N PHE A 83 11.52 13.69 8.97
CA PHE A 83 11.97 14.09 10.29
C PHE A 83 12.01 15.61 10.39
N ASN A 84 11.54 16.14 11.52
CA ASN A 84 11.54 17.58 11.73
C ASN A 84 12.61 17.92 12.77
N PRO A 85 13.60 18.75 12.45
CA PRO A 85 14.56 19.15 13.50
C PRO A 85 13.93 20.00 14.58
N ALA A 86 13.08 20.96 14.20
CA ALA A 86 12.52 21.91 15.17
C ALA A 86 11.82 21.19 16.31
N ASP A 87 11.17 20.05 16.02
CA ASP A 87 10.36 19.36 17.01
C ASP A 87 10.94 18.03 17.48
N HIS A 88 12.02 17.55 16.86
CA HIS A 88 12.45 16.17 17.03
C HIS A 88 11.27 15.23 16.81
N SER A 89 10.68 15.33 15.62
CA SER A 89 9.43 14.67 15.30
C SER A 89 9.56 13.86 14.02
N LEU A 90 8.58 13.02 13.73
CA LEU A 90 8.53 12.19 12.49
C LEU A 90 7.08 12.20 11.99
N VAL A 91 6.81 12.94 10.92
CA VAL A 91 5.49 13.02 10.29
C VAL A 91 5.47 12.02 9.14
N LEU A 92 4.42 11.20 9.10
CA LEU A 92 4.25 10.28 7.98
C LEU A 92 3.88 11.05 6.72
N VAL A 93 4.52 10.69 5.62
CA VAL A 93 4.25 11.29 4.33
C VAL A 93 3.70 10.28 3.33
N ASN A 94 3.89 8.99 3.56
CA ASN A 94 3.42 7.94 2.67
C ASN A 94 3.60 6.60 3.36
N ASN A 95 2.50 5.87 3.57
CA ASN A 95 2.55 4.56 4.19
C ASN A 95 1.93 3.48 3.31
N ILE A 96 1.58 3.81 2.09
CA ILE A 96 1.00 2.84 1.13
C ILE A 96 2.14 2.32 0.27
N ASP A 97 2.94 3.22 -0.30
CA ASP A 97 4.08 2.84 -1.11
C ASP A 97 5.25 2.40 -0.23
N GLN A 98 6.25 1.80 -0.86
CA GLN A 98 7.44 1.33 -0.16
C GLN A 98 8.55 1.17 -1.19
N VAL A 99 9.79 1.38 -0.73
CA VAL A 99 10.94 1.23 -1.62
C VAL A 99 11.15 -0.25 -1.93
N ILE A 100 11.55 -0.54 -3.17
CA ILE A 100 11.69 -1.90 -3.66
C ILE A 100 13.12 -2.11 -4.15
N LYS A 101 13.50 -3.38 -4.28
CA LYS A 101 14.82 -3.73 -4.77
C LYS A 101 15.14 -3.03 -6.09
N ASP A 102 14.12 -2.83 -6.94
CA ASP A 102 14.36 -2.21 -8.24
C ASP A 102 14.76 -0.74 -8.12
N ASP A 103 14.43 -0.09 -7.00
CA ASP A 103 14.90 1.28 -6.78
C ASP A 103 16.40 1.33 -6.59
N HIS A 104 16.99 0.30 -5.98
CA HIS A 104 18.44 0.17 -5.94
C HIS A 104 18.91 -0.45 -7.25
N GLU A 105 20.17 -0.86 -7.30
CA GLU A 105 20.74 -1.42 -8.50
C GLU A 105 21.82 -2.43 -8.14
N LEU A 106 22.19 -3.23 -9.14
CA LEU A 106 23.41 -4.04 -9.12
C LEU A 106 23.80 -4.54 -7.73
N ILE A 107 24.96 -4.07 -7.22
CA ILE A 107 25.53 -4.64 -6.00
C ILE A 107 24.73 -4.33 -4.75
N ASN A 108 23.75 -3.42 -4.83
CA ASN A 108 23.06 -2.92 -3.65
C ASN A 108 21.73 -3.63 -3.39
N GLN A 109 21.45 -4.74 -4.07
CA GLN A 109 20.17 -5.40 -3.89
C GLN A 109 20.05 -6.01 -2.50
N ASP A 110 21.06 -6.78 -2.07
CA ASP A 110 20.97 -7.47 -0.80
C ASP A 110 21.23 -6.57 0.39
N ILE A 111 21.89 -5.43 0.19
CA ILE A 111 22.07 -4.48 1.27
C ILE A 111 20.72 -3.98 1.76
N PHE A 112 19.91 -3.48 0.83
CA PHE A 112 18.56 -3.02 1.16
C PHE A 112 17.69 -4.15 1.67
N ALA A 113 17.90 -5.38 1.17
CA ALA A 113 17.11 -6.53 1.62
C ALA A 113 17.17 -6.67 3.14
N GLN A 114 18.38 -6.84 3.68
CA GLN A 114 18.53 -7.09 5.11
C GLN A 114 18.33 -5.83 5.93
N SER A 115 18.40 -4.65 5.31
CA SER A 115 18.29 -3.38 6.02
C SER A 115 17.04 -3.33 6.88
N ALA A 116 17.06 -2.47 7.90
CA ALA A 116 15.89 -2.20 8.74
C ALA A 116 15.19 -0.91 8.34
N PHE A 117 15.95 0.15 8.12
CA PHE A 117 15.41 1.44 7.72
C PHE A 117 16.38 2.10 6.75
N SER A 118 15.89 3.15 6.08
CA SER A 118 16.67 3.89 5.09
C SER A 118 16.65 5.35 5.45
N VAL A 119 17.83 5.99 5.41
CA VAL A 119 17.95 7.42 5.69
C VAL A 119 18.29 8.12 4.38
N TYR A 120 17.55 9.20 4.08
CA TYR A 120 17.75 9.97 2.86
C TYR A 120 18.08 11.41 3.21
N LEU A 121 19.14 11.93 2.60
CA LEU A 121 19.61 13.30 2.83
C LEU A 121 19.28 14.12 1.59
N VAL A 122 18.38 15.09 1.74
CA VAL A 122 17.91 15.92 0.65
C VAL A 122 18.44 17.33 0.83
N TYR A 123 19.01 17.95 -0.27
CA TYR A 123 19.53 19.33 -0.28
C TYR A 123 18.39 20.30 -0.50
N ASN A 124 17.76 20.93 0.56
CA ASN A 124 16.72 21.99 0.46
C ASN A 124 17.41 23.17 -0.23
N ALA A 125 17.24 23.34 -1.54
CA ALA A 125 17.92 24.37 -2.34
C ALA A 125 17.31 25.76 -2.14
N ARG A 126 17.53 26.37 -0.99
CA ARG A 126 17.13 27.77 -0.76
C ARG A 126 18.38 28.52 -0.31
N ALA A 127 18.51 29.80 -0.67
CA ALA A 127 19.67 30.68 -0.39
C ALA A 127 20.96 29.90 -0.64
N LYS A 131 21.96 32.79 -0.54
CA LYS A 131 23.13 33.32 0.16
C LYS A 131 24.41 33.04 -0.62
N TYR A 132 24.46 31.87 -1.25
CA TYR A 132 25.64 31.41 -1.99
C TYR A 132 25.44 31.29 -3.49
N GLY A 133 24.21 31.23 -3.92
CA GLY A 133 23.92 31.23 -5.34
C GLY A 133 24.63 30.14 -6.13
N ALA A 134 24.23 28.88 -5.90
CA ALA A 134 24.71 27.70 -6.60
C ALA A 134 26.07 27.24 -6.09
N ALA A 135 26.61 27.86 -5.05
CA ALA A 135 27.66 27.26 -4.26
C ALA A 135 27.13 26.63 -2.99
N GLY A 136 25.93 27.01 -2.55
CA GLY A 136 25.29 26.32 -1.44
C GLY A 136 25.07 24.84 -1.72
N TYR A 137 24.94 24.47 -3.00
CA TYR A 137 24.86 23.05 -3.34
C TYR A 137 26.18 22.35 -3.04
N PHE A 138 27.29 22.94 -3.48
CA PHE A 138 28.60 22.41 -3.13
C PHE A 138 28.75 22.28 -1.62
N TYR A 139 28.36 23.33 -0.89
CA TYR A 139 28.45 23.28 0.57
C TYR A 139 27.49 22.25 1.14
N ALA A 140 26.41 21.94 0.41
CA ALA A 140 25.46 20.94 0.90
C ALA A 140 26.03 19.54 0.78
N CYS A 141 26.76 19.25 -0.29
CA CYS A 141 27.36 17.94 -0.46
C CYS A 141 28.33 17.63 0.67
N ILE A 142 29.13 18.63 1.08
CA ILE A 142 30.01 18.43 2.23
C ILE A 142 29.19 18.21 3.50
N GLU A 143 28.10 18.96 3.65
CA GLU A 143 27.27 18.81 4.83
C GLU A 143 26.65 17.42 4.90
N ALA A 144 26.34 16.82 3.75
CA ALA A 144 25.82 15.46 3.74
C ALA A 144 26.86 14.47 4.25
N GLY A 145 28.13 14.69 3.88
CA GLY A 145 29.19 13.87 4.43
C GLY A 145 29.41 14.12 5.91
N ILE A 146 29.28 15.38 6.34
CA ILE A 146 29.32 15.70 7.76
C ILE A 146 28.22 14.92 8.49
N ILE A 147 26.98 15.07 8.03
CA ILE A 147 25.86 14.37 8.66
C ILE A 147 26.09 12.86 8.64
N THR A 148 26.50 12.33 7.48
CA THR A 148 26.75 10.89 7.38
C THR A 148 27.73 10.41 8.44
N ALA A 149 28.80 11.17 8.67
CA ALA A 149 29.85 10.70 9.56
C ALA A 149 29.40 10.75 11.02
N THR A 150 28.66 11.78 11.41
CA THR A 150 28.12 11.83 12.77
C THR A 150 27.19 10.65 13.02
N LEU A 151 26.26 10.42 12.10
CA LEU A 151 25.32 9.31 12.25
C LEU A 151 26.05 7.98 12.36
N ASN A 152 27.02 7.74 11.46
CA ASN A 152 27.74 6.47 11.47
C ASN A 152 28.44 6.24 12.80
N MET A 153 28.94 7.30 13.42
CA MET A 153 29.59 7.17 14.72
C MET A 153 28.56 6.99 15.84
N VAL A 154 27.55 7.88 15.88
CA VAL A 154 26.49 7.73 16.87
C VAL A 154 25.83 6.37 16.76
N ALA A 155 25.82 5.79 15.55
CA ALA A 155 25.35 4.43 15.38
C ALA A 155 26.32 3.41 15.97
N GLU A 156 27.52 3.84 16.35
CA GLU A 156 28.48 2.97 17.03
C GLU A 156 28.36 3.07 18.54
N ASP A 157 27.85 4.21 19.03
CA ASP A 157 27.43 4.32 20.42
C ASP A 157 26.29 3.37 20.75
N LEU A 158 25.67 2.74 19.74
CA LEU A 158 24.46 1.95 19.93
C LEU A 158 24.47 0.65 19.15
N ASN A 159 25.58 0.27 18.50
CA ASN A 159 25.70 -0.99 17.77
C ASN A 159 24.78 -1.05 16.55
N VAL A 160 24.37 0.09 16.03
CA VAL A 160 23.58 0.16 14.80
C VAL A 160 24.53 0.14 13.61
N GLY A 161 24.34 -0.83 12.71
CA GLY A 161 25.15 -0.88 11.51
C GLY A 161 24.67 0.12 10.47
N LEU A 162 25.59 0.58 9.63
CA LEU A 162 25.32 1.60 8.59
C LEU A 162 26.13 1.28 7.33
N CYS A 163 25.62 1.67 6.18
CA CYS A 163 26.31 1.54 4.87
C CYS A 163 25.82 2.61 3.91
N SER A 164 26.72 3.40 3.35
CA SER A 164 26.37 4.45 2.39
C SER A 164 26.03 3.86 1.03
N ILE A 165 25.12 4.53 0.34
CA ILE A 165 24.72 4.18 -1.05
C ILE A 165 24.96 5.41 -1.92
N GLY A 166 25.88 5.31 -2.86
CA GLY A 166 26.23 6.44 -3.71
C GLY A 166 25.11 6.79 -4.68
N HIS A 167 24.78 5.86 -5.57
CA HIS A 167 23.72 6.07 -6.55
C HIS A 167 22.55 5.13 -6.27
N MET A 168 21.38 5.54 -6.76
CA MET A 168 20.13 4.83 -6.52
C MET A 168 19.03 5.53 -7.28
N ASN A 169 18.09 4.77 -7.81
CA ASN A 169 17.02 5.30 -8.66
C ASN A 169 16.07 6.15 -7.84
N PHE A 170 16.48 7.38 -7.48
CA PHE A 170 15.64 8.31 -6.74
C PHE A 170 14.49 8.86 -7.59
N GLU A 171 14.29 8.26 -8.77
CA GLU A 171 13.28 8.76 -9.70
C GLU A 171 11.90 8.76 -9.06
N GLU A 172 11.51 7.66 -8.43
CA GLU A 172 10.21 7.56 -7.80
C GLU A 172 10.25 7.76 -6.29
N ILE A 173 11.39 7.45 -5.65
CA ILE A 173 11.59 7.89 -4.27
C ILE A 173 11.31 9.37 -4.17
N GLN A 174 11.71 10.12 -5.21
CA GLN A 174 11.45 11.54 -5.31
C GLN A 174 9.97 11.87 -5.04
N THR A 175 9.05 11.11 -5.65
CA THR A 175 7.64 11.42 -5.57
C THR A 175 6.98 10.85 -4.32
N PHE A 176 7.37 9.64 -3.90
CA PHE A 176 6.82 9.08 -2.67
C PHE A 176 7.10 9.95 -1.46
N LEU A 177 8.16 10.76 -1.51
CA LEU A 177 8.47 11.71 -0.44
C LEU A 177 7.83 13.08 -0.64
N LYS A 178 7.31 13.33 -1.83
CA LYS A 178 6.63 14.61 -2.15
C LYS A 178 7.66 15.74 -2.20
N LEU A 179 8.78 15.53 -2.86
CA LEU A 179 9.83 16.53 -2.99
C LEU A 179 9.43 17.60 -3.99
N GLU A 180 9.96 18.79 -3.80
CA GLU A 180 9.72 19.91 -4.69
C GLU A 180 10.67 19.81 -5.89
N ASP A 181 10.69 20.85 -6.72
CA ASP A 181 11.73 20.96 -7.73
C ASP A 181 13.02 21.52 -7.15
N HIS A 182 12.95 22.18 -5.99
CA HIS A 182 14.11 22.71 -5.31
C HIS A 182 14.66 21.77 -4.25
N GLN A 183 14.13 20.55 -4.15
CA GLN A 183 14.66 19.51 -3.27
C GLN A 183 15.28 18.42 -4.12
N VAL A 184 16.56 18.17 -3.93
CA VAL A 184 17.29 17.15 -4.67
C VAL A 184 18.00 16.24 -3.67
N ILE A 185 17.77 14.94 -3.80
CA ILE A 185 18.44 13.97 -2.94
C ILE A 185 19.92 13.90 -3.30
N LEU A 186 20.77 13.81 -2.28
CA LEU A 186 22.20 13.71 -2.46
C LEU A 186 22.76 12.36 -2.05
N HIS A 187 22.29 11.80 -0.94
CA HIS A 187 22.90 10.62 -0.35
C HIS A 187 21.83 9.79 0.34
N ALA A 188 22.10 8.48 0.41
CA ALA A 188 21.19 7.54 1.07
C ALA A 188 22.02 6.58 1.92
N ILE A 189 21.42 6.09 3.00
CA ILE A 189 22.10 5.23 3.97
C ILE A 189 21.13 4.15 4.42
N GLU A 190 21.61 2.90 4.48
CA GLU A 190 20.87 1.78 5.02
C GLU A 190 21.36 1.49 6.43
N GLY A 191 20.42 1.41 7.38
CA GLY A 191 20.76 1.22 8.77
C GLY A 191 19.93 0.12 9.42
N LEU A 193 20.19 -2.89 13.13
CA LEU A 193 21.10 -3.63 13.98
C LEU A 193 21.80 -4.74 13.19
N LYS A 194 23.01 -5.10 13.61
CA LYS A 194 23.85 -6.11 12.90
C LYS A 194 24.19 -7.29 13.82
N ILE A 195 24.62 -8.40 13.21
CA ILE A 195 25.16 -9.67 13.80
C ILE A 195 25.43 -10.62 12.63
N ALA B 14 -27.30 -15.05 10.06
CA ALA B 14 -25.90 -15.26 10.51
C ALA B 14 -24.98 -14.17 9.94
N ALA B 15 -25.18 -13.66 8.74
CA ALA B 15 -24.25 -12.70 8.18
C ALA B 15 -24.82 -12.05 6.93
N THR B 16 -24.50 -10.76 6.76
CA THR B 16 -24.64 -10.05 5.49
C THR B 16 -23.29 -9.42 5.16
N LEU B 17 -23.10 -9.10 3.88
CA LEU B 17 -21.80 -8.59 3.44
C LEU B 17 -21.49 -7.23 4.05
N HIS B 18 -22.47 -6.33 4.09
CA HIS B 18 -22.21 -5.00 4.63
C HIS B 18 -22.10 -5.01 6.15
N GLN B 19 -22.85 -5.86 6.84
CA GLN B 19 -22.72 -5.95 8.29
C GLN B 19 -21.34 -6.46 8.67
N LEU B 20 -20.81 -7.45 7.94
CA LEU B 20 -19.44 -7.90 8.17
C LEU B 20 -18.48 -6.73 8.13
N PHE B 21 -18.62 -5.87 7.12
CA PHE B 21 -17.75 -4.70 7.03
C PHE B 21 -18.05 -3.68 8.11
N ILE B 22 -19.33 -3.42 8.38
CA ILE B 22 -19.71 -2.47 9.41
C ILE B 22 -19.06 -2.85 10.73
N ASP B 23 -19.07 -4.14 11.08
CA ASP B 23 -18.44 -4.58 12.31
C ASP B 23 -16.95 -4.32 12.31
N GLN B 24 -16.28 -4.51 11.17
CA GLN B 24 -14.84 -4.30 11.11
C GLN B 24 -14.49 -2.82 11.14
N ALA B 25 -15.37 -1.96 10.65
CA ALA B 25 -15.12 -0.52 10.74
C ALA B 25 -15.03 -0.08 12.20
N GLN B 26 -15.84 -0.68 13.08
CA GLN B 26 -15.74 -0.36 14.50
C GLN B 26 -14.40 -0.82 15.07
N ARG B 27 -13.96 -2.03 14.71
CA ARG B 27 -12.72 -2.55 15.28
C ARG B 27 -11.52 -1.72 14.87
N THR B 28 -11.46 -1.31 13.61
CA THR B 28 -10.31 -0.59 13.06
C THR B 28 -10.79 0.58 12.21
N PRO B 29 -11.19 1.68 12.85
CA PRO B 29 -11.73 2.82 12.08
C PRO B 29 -10.70 3.50 11.20
N ASP B 30 -9.43 3.54 11.60
CA ASP B 30 -8.40 4.32 10.92
C ASP B 30 -7.51 3.47 10.03
N GLN B 31 -7.81 2.19 9.89
CA GLN B 31 -7.13 1.35 8.90
C GLN B 31 -7.52 1.79 7.49
N VAL B 32 -6.55 1.77 6.58
CA VAL B 32 -6.83 2.08 5.19
C VAL B 32 -7.60 0.91 4.57
N ALA B 33 -8.81 1.20 4.09
CA ALA B 33 -9.67 0.15 3.53
C ALA B 33 -9.43 -0.06 2.05
N VAL B 34 -9.24 1.02 1.28
CA VAL B 34 -9.05 0.89 -0.16
C VAL B 34 -8.23 2.07 -0.65
N VAL B 35 -7.23 1.77 -1.48
CA VAL B 35 -6.35 2.76 -2.14
C VAL B 35 -6.42 2.50 -3.64
N PHE B 36 -6.48 3.53 -4.47
CA PHE B 36 -6.40 3.35 -5.91
C PHE B 36 -5.00 3.72 -6.37
N GLU B 37 -4.74 5.02 -6.52
CA GLU B 37 -3.40 5.49 -6.86
C GLU B 37 -2.89 6.37 -5.71
N GLN B 38 -3.27 7.65 -5.70
CA GLN B 38 -3.05 8.50 -4.56
C GLN B 38 -4.32 8.75 -3.76
N GLU B 39 -5.45 8.17 -4.19
CA GLU B 39 -6.70 8.23 -3.45
C GLU B 39 -6.75 7.11 -2.43
N TRP B 40 -7.49 7.29 -1.37
CA TRP B 40 -7.63 6.25 -0.33
C TRP B 40 -8.77 6.60 0.58
N LEU B 41 -9.30 5.58 1.25
CA LEU B 41 -10.38 5.69 2.22
C LEU B 41 -10.03 4.83 3.42
N THR B 42 -10.25 5.38 4.62
CA THR B 42 -10.17 4.55 5.81
C THR B 42 -11.48 3.79 5.99
N TYR B 43 -11.49 2.88 6.96
CA TYR B 43 -12.68 2.07 7.21
C TYR B 43 -13.86 2.91 7.64
N SER B 44 -13.61 4.01 8.37
CA SER B 44 -14.72 4.85 8.82
C SER B 44 -15.16 5.84 7.74
N GLU B 45 -14.23 6.33 6.92
CA GLU B 45 -14.61 7.17 5.79
C GLU B 45 -15.51 6.39 4.84
N LEU B 46 -15.14 5.14 4.54
CA LEU B 46 -15.96 4.31 3.66
C LEU B 46 -17.32 4.02 4.28
N ASP B 47 -17.34 3.70 5.58
CA ASP B 47 -18.60 3.45 6.27
C ASP B 47 -19.47 4.71 6.27
N GLN B 48 -18.86 5.86 6.57
CA GLN B 48 -19.62 7.10 6.66
C GLN B 48 -20.21 7.48 5.31
N ARG B 49 -19.39 7.49 4.26
CA ARG B 49 -19.87 7.96 2.97
C ARG B 49 -20.87 6.99 2.34
N SER B 50 -20.70 5.69 2.57
CA SER B 50 -21.66 4.73 2.03
C SER B 50 -22.98 4.78 2.78
N ASN B 51 -22.96 5.18 4.05
CA ASN B 51 -24.22 5.44 4.76
C ASN B 51 -24.97 6.60 4.13
N GLN B 52 -24.25 7.63 3.69
CA GLN B 52 -24.88 8.80 3.11
C GLN B 52 -25.46 8.50 1.74
N VAL B 53 -24.66 7.83 0.89
CA VAL B 53 -25.16 7.44 -0.42
C VAL B 53 -26.35 6.50 -0.28
N ALA B 54 -26.29 5.58 0.69
CA ALA B 54 -27.41 4.68 0.93
C ALA B 54 -28.69 5.47 1.24
N ARG B 55 -28.57 6.53 2.05
CA ARG B 55 -29.73 7.35 2.34
C ARG B 55 -30.23 8.06 1.08
N PHE B 56 -29.30 8.55 0.26
CA PHE B 56 -29.68 9.17 -1.00
C PHE B 56 -30.43 8.18 -1.88
N LEU B 57 -29.97 6.93 -1.95
CA LEU B 57 -30.67 5.92 -2.74
C LEU B 57 -32.07 5.67 -2.19
N GLN B 58 -32.22 5.66 -0.86
CA GLN B 58 -33.53 5.45 -0.28
C GLN B 58 -34.48 6.57 -0.65
N SER B 59 -34.01 7.82 -0.63
CA SER B 59 -34.84 8.93 -1.09
C SER B 59 -35.27 8.75 -2.55
N ARG B 60 -34.64 7.83 -3.28
CA ARG B 60 -35.02 7.52 -4.66
C ARG B 60 -35.84 6.23 -4.74
N GLY B 61 -36.41 5.77 -3.64
CA GLY B 61 -37.23 4.58 -3.62
C GLY B 61 -36.48 3.28 -3.64
N ILE B 62 -35.14 3.31 -3.62
CA ILE B 62 -34.37 2.06 -3.62
C ILE B 62 -34.50 1.39 -2.26
N GLY B 63 -34.88 0.13 -2.28
CA GLY B 63 -35.01 -0.63 -1.04
C GLY B 63 -34.94 -2.11 -1.31
N ARG B 64 -35.58 -2.88 -0.42
CA ARG B 64 -35.52 -4.34 -0.50
C ARG B 64 -36.15 -4.83 -1.79
N GLY B 65 -35.53 -5.86 -2.37
CA GLY B 65 -36.01 -6.47 -3.60
C GLY B 65 -35.56 -5.79 -4.88
N ASP B 66 -35.01 -4.57 -4.79
CA ASP B 66 -34.62 -3.84 -5.98
C ASP B 66 -33.24 -4.27 -6.46
N ARG B 67 -32.93 -3.89 -7.69
CA ARG B 67 -31.60 -4.10 -8.27
C ARG B 67 -31.07 -2.76 -8.76
N VAL B 68 -29.81 -2.47 -8.44
CA VAL B 68 -29.18 -1.19 -8.75
C VAL B 68 -27.96 -1.47 -9.61
N GLY B 69 -27.92 -0.86 -10.80
CA GLY B 69 -26.75 -0.95 -11.65
C GLY B 69 -25.62 -0.08 -11.13
N VAL B 70 -24.41 -0.61 -11.16
CA VAL B 70 -23.21 0.11 -10.73
C VAL B 70 -22.14 -0.08 -11.80
N LEU B 71 -21.69 1.02 -12.41
CA LEU B 71 -20.59 0.96 -13.36
C LEU B 71 -19.30 0.62 -12.64
N ALA B 72 -18.61 -0.42 -13.12
CA ALA B 72 -17.47 -0.98 -12.41
C ALA B 72 -16.17 -0.23 -12.73
N LYS B 73 -16.18 1.07 -12.43
CA LYS B 73 -15.00 1.89 -12.60
C LYS B 73 -13.97 1.55 -11.52
N ARG B 74 -12.69 1.60 -11.91
CA ARG B 74 -11.61 1.27 -10.99
C ARG B 74 -11.24 2.55 -10.23
N GLN B 75 -12.10 2.88 -9.29
CA GLN B 75 -12.03 4.08 -8.44
C GLN B 75 -12.46 3.70 -7.04
N VAL B 76 -12.01 4.40 -6.02
CA VAL B 76 -12.44 4.08 -4.67
C VAL B 76 -13.92 4.41 -4.49
N GLU B 77 -14.43 5.41 -5.21
CA GLU B 77 -15.83 5.78 -5.08
C GLU B 77 -16.74 4.63 -5.48
N THR B 78 -16.30 3.79 -6.42
CA THR B 78 -17.10 2.63 -6.79
C THR B 78 -17.38 1.74 -5.59
N ILE B 79 -16.38 1.54 -4.73
CA ILE B 79 -16.57 0.75 -3.52
C ILE B 79 -17.63 1.37 -2.64
N ILE B 80 -17.60 2.71 -2.50
CA ILE B 80 -18.65 3.42 -1.77
C ILE B 80 -20.02 3.02 -2.31
N ASN B 81 -20.17 3.03 -3.64
CA ASN B 81 -21.48 2.80 -4.23
C ASN B 81 -21.95 1.37 -4.01
N LEU B 82 -21.07 0.39 -4.25
CA LEU B 82 -21.43 -1.00 -4.01
C LEU B 82 -21.93 -1.20 -2.58
N MET B 83 -21.21 -0.65 -1.61
CA MET B 83 -21.60 -0.81 -0.22
C MET B 83 -22.91 -0.09 0.07
N ALA B 84 -23.13 1.06 -0.57
CA ALA B 84 -24.37 1.81 -0.34
C ALA B 84 -25.58 1.05 -0.85
N VAL B 85 -25.46 0.40 -2.01
CA VAL B 85 -26.58 -0.39 -2.54
C VAL B 85 -26.98 -1.47 -1.54
N LEU B 86 -25.98 -2.16 -0.97
CA LEU B 86 -26.26 -3.23 -0.02
C LEU B 86 -26.84 -2.67 1.28
N LYS B 87 -26.38 -1.50 1.71
CA LYS B 87 -26.90 -0.90 2.93
C LYS B 87 -28.34 -0.43 2.75
N ALA B 88 -28.70 0.04 1.55
CA ALA B 88 -30.08 0.42 1.28
C ALA B 88 -30.99 -0.79 1.17
N GLY B 89 -30.44 -2.00 1.19
CA GLY B 89 -31.23 -3.21 1.14
C GLY B 89 -31.38 -3.82 -0.24
N ALA B 90 -30.78 -3.22 -1.26
CA ALA B 90 -30.89 -3.73 -2.62
C ALA B 90 -29.69 -4.60 -2.97
N ALA B 91 -29.77 -5.20 -4.15
CA ALA B 91 -28.66 -5.96 -4.72
C ALA B 91 -28.09 -5.18 -5.89
N TYR B 92 -26.76 -5.24 -6.05
CA TYR B 92 -26.11 -4.49 -7.10
C TYR B 92 -25.80 -5.40 -8.28
N VAL B 93 -25.87 -4.82 -9.48
CA VAL B 93 -25.56 -5.50 -10.72
C VAL B 93 -24.40 -4.77 -11.37
N PRO B 94 -23.19 -5.34 -11.30
CA PRO B 94 -22.02 -4.64 -11.87
C PRO B 94 -22.11 -4.56 -13.38
N ILE B 95 -21.77 -3.39 -13.91
CA ILE B 95 -21.80 -3.11 -15.35
C ILE B 95 -20.38 -2.75 -15.77
N ASP B 96 -19.86 -3.48 -16.76
CA ASP B 96 -18.49 -3.25 -17.20
C ASP B 96 -18.45 -1.98 -18.04
N PRO B 97 -17.68 -0.95 -17.65
CA PRO B 97 -17.66 0.29 -18.43
C PRO B 97 -17.06 0.14 -19.82
N ASP B 98 -16.37 -0.96 -20.10
CA ASP B 98 -15.77 -1.20 -21.41
C ASP B 98 -16.66 -1.98 -22.35
N HIS B 99 -17.78 -2.53 -21.87
CA HIS B 99 -18.68 -3.25 -22.75
C HIS B 99 -19.41 -2.27 -23.68
N PRO B 100 -19.78 -2.71 -24.88
CA PRO B 100 -20.61 -1.84 -25.74
C PRO B 100 -21.94 -1.55 -25.08
N TYR B 101 -22.56 -0.47 -25.53
CA TYR B 101 -23.79 -0.01 -24.90
C TYR B 101 -24.92 -1.02 -25.04
N GLU B 102 -24.92 -1.78 -26.14
CA GLU B 102 -25.96 -2.78 -26.36
C GLU B 102 -25.87 -3.90 -25.31
N ARG B 103 -24.65 -4.31 -24.96
CA ARG B 103 -24.49 -5.34 -23.94
C ARG B 103 -24.85 -4.80 -22.56
N GLN B 104 -24.43 -3.57 -22.25
CA GLN B 104 -24.81 -2.94 -20.99
C GLN B 104 -26.32 -2.85 -20.85
N THR B 105 -27.00 -2.47 -21.93
CA THR B 105 -28.45 -2.31 -21.89
C THR B 105 -29.13 -3.64 -21.64
N TYR B 106 -28.72 -4.70 -22.35
CA TYR B 106 -29.32 -6.01 -22.16
C TYR B 106 -29.27 -6.42 -20.69
N ILE B 107 -28.12 -6.23 -20.04
CA ILE B 107 -27.96 -6.67 -18.66
C ILE B 107 -28.82 -5.84 -17.73
N LEU B 108 -28.94 -4.54 -17.99
CA LEU B 108 -29.73 -3.69 -17.11
C LEU B 108 -31.21 -4.04 -17.20
N GLU B 109 -31.71 -4.30 -18.41
CA GLU B 109 -33.11 -4.70 -18.57
C GLU B 109 -33.35 -6.08 -17.99
N ASN B 110 -32.50 -7.06 -18.38
CA ASN B 110 -32.70 -8.44 -17.98
C ASN B 110 -32.79 -8.57 -16.46
N SER B 111 -32.00 -7.78 -15.74
CA SER B 111 -31.97 -7.84 -14.29
C SER B 111 -32.97 -6.90 -13.64
N SER B 112 -33.77 -6.19 -14.42
CA SER B 112 -34.78 -5.27 -13.90
C SER B 112 -34.15 -4.26 -12.95
N CYS B 113 -33.02 -3.69 -13.36
CA CYS B 113 -32.38 -2.64 -12.58
C CYS B 113 -33.24 -1.38 -12.59
N LYS B 114 -33.32 -0.71 -11.45
CA LYS B 114 -34.11 0.51 -11.27
C LYS B 114 -33.33 1.72 -11.77
N ILE B 115 -32.05 1.83 -11.45
CA ILE B 115 -31.19 2.94 -11.86
C ILE B 115 -29.79 2.41 -12.11
N LEU B 116 -28.96 3.27 -12.69
CA LEU B 116 -27.55 2.99 -12.95
C LEU B 116 -26.71 4.05 -12.26
N LEU B 117 -25.74 3.61 -11.47
CA LEU B 117 -24.91 4.51 -10.68
C LEU B 117 -23.52 4.64 -11.30
N ASP B 118 -23.03 5.85 -11.35
CA ASP B 118 -21.68 6.16 -11.84
C ASP B 118 -20.87 6.69 -10.66
N SER B 119 -19.57 6.71 -10.80
CA SER B 119 -18.71 7.39 -9.85
C SER B 119 -18.84 8.90 -10.07
N ASP B 120 -18.44 9.65 -9.05
CA ASP B 120 -18.68 11.09 -8.92
C ASP B 120 -20.11 11.36 -8.44
N LEU B 121 -20.91 10.31 -8.20
CA LEU B 121 -22.25 10.51 -7.66
C LEU B 121 -22.19 11.27 -6.33
N TYR B 122 -21.26 10.89 -5.46
CA TYR B 122 -21.18 11.49 -4.13
C TYR B 122 -20.99 13.00 -4.21
N GLU B 123 -20.10 13.46 -5.09
CA GLU B 123 -19.78 14.89 -5.13
C GLU B 123 -20.88 15.69 -5.79
N THR B 124 -21.27 15.33 -7.02
CA THR B 124 -22.11 16.21 -7.82
C THR B 124 -23.57 16.22 -7.39
N MET B 125 -24.00 15.30 -6.54
CA MET B 125 -25.32 15.39 -5.93
C MET B 125 -25.25 15.94 -4.51
N GLU B 126 -24.06 16.34 -4.06
CA GLU B 126 -23.86 16.91 -2.73
C GLU B 126 -24.49 16.01 -1.68
N ILE B 127 -23.95 14.80 -1.60
CA ILE B 127 -24.46 13.77 -0.72
C ILE B 127 -23.81 13.83 0.66
N SER B 128 -22.70 14.56 0.81
CA SER B 128 -22.18 14.86 2.14
C SER B 128 -23.23 15.49 3.04
N SER B 129 -24.32 16.00 2.46
CA SER B 129 -25.37 16.65 3.23
C SER B 129 -26.30 15.65 3.92
N TYR B 130 -26.21 14.37 3.60
CA TYR B 130 -27.01 13.35 4.27
C TYR B 130 -26.31 12.91 5.56
N ALA B 131 -27.11 12.32 6.46
CA ALA B 131 -26.56 11.77 7.69
C ALA B 131 -25.64 10.60 7.36
N ASP B 132 -24.51 10.53 8.06
CA ASP B 132 -23.51 9.50 7.82
C ASP B 132 -23.51 8.41 8.88
N GLY B 133 -24.56 8.34 9.70
CA GLY B 133 -24.63 7.34 10.75
C GLY B 133 -25.18 6.01 10.27
N ASP B 134 -25.08 5.01 11.14
CA ASP B 134 -25.55 3.68 10.81
C ASP B 134 -27.02 3.70 10.42
N LEU B 135 -27.37 2.86 9.46
CA LEU B 135 -28.74 2.75 8.98
C LEU B 135 -29.51 1.67 9.73
N THR B 136 -30.82 1.71 9.57
CA THR B 136 -31.68 0.63 10.04
C THR B 136 -31.50 -0.58 9.13
N PRO B 137 -31.17 -1.76 9.66
CA PRO B 137 -31.01 -2.94 8.78
C PRO B 137 -32.21 -3.13 7.88
N VAL B 138 -31.94 -3.59 6.65
CA VAL B 138 -33.00 -3.92 5.70
C VAL B 138 -32.78 -5.31 5.13
N ALA B 139 -31.59 -5.58 4.64
CA ALA B 139 -31.28 -6.86 3.97
C ALA B 139 -31.11 -7.99 4.97
N GLU B 140 -31.60 -9.15 4.59
CA GLU B 140 -31.49 -10.38 5.36
C GLU B 140 -30.50 -11.33 4.71
N PRO B 141 -29.90 -12.24 5.47
CA PRO B 141 -28.93 -13.17 4.88
C PRO B 141 -29.44 -13.88 3.64
N GLU B 142 -30.75 -14.10 3.56
CA GLU B 142 -31.34 -14.82 2.45
C GLU B 142 -31.65 -13.93 1.26
N ASP B 143 -31.53 -12.62 1.41
CA ASP B 143 -31.80 -11.70 0.31
C ASP B 143 -30.63 -11.68 -0.67
N THR B 144 -30.94 -11.30 -1.90
CA THR B 144 -29.92 -11.23 -2.95
C THR B 144 -28.96 -10.08 -2.67
N ALA B 145 -27.66 -10.35 -2.80
CA ALA B 145 -26.64 -9.33 -2.63
C ALA B 145 -26.15 -8.76 -3.95
N TYR B 146 -26.04 -9.59 -4.99
CA TYR B 146 -25.60 -9.10 -6.30
C TYR B 146 -26.00 -10.13 -7.35
N VAL B 147 -25.91 -9.70 -8.62
CA VAL B 147 -26.24 -10.54 -9.76
C VAL B 147 -25.07 -10.46 -10.75
N ILE B 148 -24.42 -11.59 -10.98
CA ILE B 148 -23.28 -11.68 -11.89
C ILE B 148 -23.75 -12.28 -13.20
N TYR B 149 -23.44 -11.60 -14.30
CA TYR B 149 -23.73 -12.09 -15.64
C TYR B 149 -22.47 -12.70 -16.24
N THR B 150 -22.66 -13.70 -17.10
CA THR B 150 -21.55 -14.55 -17.50
C THR B 150 -21.72 -15.03 -18.94
N SER B 151 -20.62 -15.53 -19.46
CA SER B 151 -20.50 -16.14 -20.79
C SER B 151 -20.92 -15.26 -21.91
N GLY B 152 -20.30 -14.09 -22.02
CA GLY B 152 -20.58 -13.09 -23.07
C GLY B 152 -19.74 -13.32 -24.32
N ARG B 156 -27.69 -14.14 -24.63
CA ARG B 156 -26.59 -15.10 -24.36
C ARG B 156 -26.11 -14.92 -22.92
N PRO B 157 -25.92 -13.71 -22.36
CA PRO B 157 -25.48 -13.58 -20.99
C PRO B 157 -26.54 -14.10 -20.01
N LYS B 158 -26.15 -14.90 -19.04
CA LYS B 158 -27.05 -15.44 -18.02
C LYS B 158 -26.69 -14.78 -16.69
N GLY B 159 -27.64 -14.20 -16.00
CA GLY B 159 -27.44 -13.60 -14.69
C GLY B 159 -27.67 -14.62 -13.58
N VAL B 160 -26.70 -14.71 -12.67
CA VAL B 160 -26.75 -15.62 -11.53
C VAL B 160 -27.00 -14.81 -10.29
N ILE B 161 -27.99 -15.22 -9.49
CA ILE B 161 -28.31 -14.58 -8.23
C ILE B 161 -27.44 -15.17 -7.13
N ILE B 162 -26.93 -14.30 -6.26
CA ILE B 162 -26.12 -14.71 -5.12
C ILE B 162 -26.64 -14.02 -3.88
N THR B 163 -26.92 -14.80 -2.83
CA THR B 163 -27.44 -14.21 -1.60
C THR B 163 -26.31 -13.71 -0.72
N HIS B 164 -26.67 -12.85 0.23
CA HIS B 164 -25.73 -12.39 1.24
C HIS B 164 -25.07 -13.57 1.95
N GLN B 165 -25.88 -14.58 2.31
CA GLN B 165 -25.36 -15.71 3.10
C GLN B 165 -24.34 -16.53 2.30
N ALA B 166 -24.65 -16.81 1.03
CA ALA B 166 -23.73 -17.62 0.23
C ALA B 166 -22.40 -16.91 0.03
N ALA B 167 -22.45 -15.59 -0.19
CA ALA B 167 -21.21 -14.83 -0.36
C ALA B 167 -20.45 -14.73 0.95
N SER B 168 -21.15 -14.43 2.05
CA SER B 168 -20.48 -14.34 3.34
C SER B 168 -19.79 -15.64 3.71
N ASN B 169 -20.47 -16.77 3.55
CA ASN B 169 -19.86 -18.06 3.87
C ASN B 169 -18.57 -18.26 3.10
N THR B 170 -18.57 -17.90 1.81
CA THR B 170 -17.38 -18.09 0.99
C THR B 170 -16.23 -17.23 1.47
N ILE B 171 -16.48 -15.93 1.65
CA ILE B 171 -15.37 -15.03 2.00
C ILE B 171 -14.85 -15.32 3.40
N GLN B 172 -15.72 -15.76 4.31
CA GLN B 172 -15.28 -16.02 5.68
C GLN B 172 -14.53 -17.35 5.77
N ASP B 173 -14.98 -18.37 5.03
CA ASP B 173 -14.22 -19.61 4.95
C ASP B 173 -12.79 -19.33 4.49
N ILE B 174 -12.62 -18.42 3.54
CA ILE B 174 -11.29 -18.10 3.04
C ILE B 174 -10.52 -17.28 4.06
N ASN B 175 -11.16 -16.28 4.66
CA ASN B 175 -10.47 -15.45 5.65
C ASN B 175 -9.97 -16.30 6.82
N ARG B 176 -10.78 -17.26 7.26
CA ARG B 176 -10.40 -18.09 8.41
C ARG B 176 -9.34 -19.11 8.03
N LYS B 177 -9.47 -19.72 6.85
CA LYS B 177 -8.56 -20.80 6.47
C LYS B 177 -7.13 -20.30 6.30
N PHE B 178 -6.97 -19.08 5.79
CA PHE B 178 -5.65 -18.51 5.53
C PHE B 178 -5.34 -17.31 6.41
N GLU B 179 -6.14 -17.07 7.45
CA GLU B 179 -5.80 -16.13 8.51
C GLU B 179 -5.55 -14.72 7.96
N VAL B 180 -6.47 -14.25 7.12
CA VAL B 180 -6.36 -12.89 6.60
C VAL B 180 -6.68 -11.90 7.71
N ASN B 181 -5.88 -10.84 7.82
CA ASN B 181 -6.03 -9.89 8.90
C ASN B 181 -5.53 -8.52 8.46
N GLU B 182 -5.37 -7.62 9.44
CA GLU B 182 -5.05 -6.23 9.18
C GLU B 182 -3.74 -6.06 8.42
N GLU B 183 -2.79 -6.98 8.59
CA GLU B 183 -1.50 -6.83 7.92
C GLU B 183 -1.55 -7.17 6.44
N ASP B 184 -2.69 -7.60 5.91
CA ASP B 184 -2.76 -8.10 4.54
C ASP B 184 -3.17 -7.00 3.56
N ARG B 185 -2.71 -7.15 2.32
CA ARG B 185 -3.05 -6.25 1.23
C ARG B 185 -3.47 -7.08 0.02
N ILE B 186 -4.66 -6.80 -0.51
CA ILE B 186 -5.22 -7.50 -1.65
C ILE B 186 -5.12 -6.59 -2.86
N ILE B 187 -4.59 -7.11 -3.96
CA ILE B 187 -4.52 -6.38 -5.22
C ILE B 187 -5.78 -6.66 -6.01
N GLY B 188 -6.52 -5.60 -6.35
CA GLY B 188 -7.79 -5.74 -7.04
C GLY B 188 -7.66 -5.84 -8.53
N ILE B 189 -7.21 -6.99 -9.02
CA ILE B 189 -6.92 -7.22 -10.45
C ILE B 189 -8.19 -7.47 -11.26
N SER B 190 -9.05 -8.36 -10.82
CA SER B 190 -10.17 -8.80 -11.64
C SER B 190 -11.29 -7.76 -11.66
N SER B 191 -11.99 -7.71 -12.79
CA SER B 191 -13.14 -6.82 -12.92
C SER B 191 -14.17 -7.10 -11.84
N MET B 192 -14.84 -6.04 -11.41
CA MET B 192 -15.90 -6.17 -10.42
C MET B 192 -17.20 -6.67 -11.04
N CYS B 193 -17.20 -7.00 -12.33
CA CYS B 193 -18.26 -7.78 -12.96
C CYS B 193 -18.03 -9.28 -12.82
N PHE B 194 -16.82 -9.66 -12.41
CA PHE B 194 -16.41 -11.05 -12.22
C PHE B 194 -16.62 -11.45 -10.76
N ASP B 195 -16.95 -12.71 -10.54
CA ASP B 195 -17.31 -13.13 -9.18
C ASP B 195 -16.12 -13.08 -8.24
N LEU B 196 -14.91 -13.34 -8.75
CA LEU B 196 -13.71 -13.31 -7.92
C LEU B 196 -13.53 -11.98 -7.20
N SER B 197 -14.09 -10.90 -7.71
CA SER B 197 -13.91 -9.59 -7.12
C SER B 197 -14.69 -9.42 -5.82
N VAL B 198 -15.70 -10.24 -5.60
CA VAL B 198 -16.51 -10.17 -4.38
C VAL B 198 -15.60 -10.48 -3.18
N TYR B 199 -14.63 -11.38 -3.32
CA TYR B 199 -13.67 -11.60 -2.26
C TYR B 199 -12.69 -10.44 -2.15
N ASP B 200 -12.23 -9.90 -3.29
CA ASP B 200 -11.31 -8.77 -3.26
C ASP B 200 -11.88 -7.61 -2.45
N ILE B 201 -13.18 -7.38 -2.56
CA ILE B 201 -13.83 -6.25 -1.90
C ILE B 201 -14.25 -6.65 -0.50
N PHE B 202 -15.19 -7.59 -0.40
CA PHE B 202 -15.86 -7.84 0.88
C PHE B 202 -15.08 -8.80 1.76
N GLY B 203 -14.29 -9.69 1.18
CA GLY B 203 -13.38 -10.49 1.98
C GLY B 203 -12.30 -9.65 2.61
N THR B 204 -11.74 -8.70 1.84
CA THR B 204 -10.78 -7.74 2.39
C THR B 204 -11.41 -6.95 3.54
N LEU B 205 -12.62 -6.41 3.32
CA LEU B 205 -13.24 -5.53 4.30
C LEU B 205 -13.82 -6.29 5.48
N SER B 206 -14.01 -7.60 5.36
CA SER B 206 -14.46 -8.41 6.48
C SER B 206 -13.31 -8.77 7.43
N ALA B 207 -12.07 -8.74 6.93
CA ALA B 207 -10.91 -9.15 7.72
C ALA B 207 -10.08 -7.98 8.21
N GLY B 208 -10.45 -6.75 7.85
CA GLY B 208 -9.67 -5.59 8.25
C GLY B 208 -8.45 -5.32 7.39
N ALA B 209 -8.37 -5.91 6.20
CA ALA B 209 -7.23 -5.74 5.32
C ALA B 209 -7.43 -4.52 4.43
N THR B 210 -6.49 -4.31 3.50
CA THR B 210 -6.49 -3.17 2.60
C THR B 210 -6.60 -3.65 1.16
N LEU B 211 -7.50 -3.03 0.40
CA LEU B 211 -7.65 -3.30 -1.02
C LEU B 211 -6.87 -2.27 -1.81
N VAL B 212 -5.99 -2.75 -2.70
CA VAL B 212 -5.19 -1.88 -3.57
C VAL B 212 -5.73 -2.06 -4.98
N MET B 213 -6.39 -1.04 -5.50
CA MET B 213 -7.06 -1.14 -6.79
C MET B 213 -6.09 -0.90 -7.94
N ILE B 214 -6.45 -1.42 -9.10
CA ILE B 214 -5.62 -1.43 -10.30
C ILE B 214 -6.37 -0.71 -11.41
N ARG B 215 -5.65 0.14 -12.16
CA ARG B 215 -6.28 0.90 -13.23
C ARG B 215 -6.59 0.03 -14.43
N ASP B 216 -5.63 -0.76 -14.88
CA ASP B 216 -5.75 -1.55 -16.11
C ASP B 216 -5.34 -2.98 -15.82
N PRO B 217 -6.26 -3.95 -15.83
CA PRO B 217 -5.88 -5.34 -15.55
C PRO B 217 -4.98 -5.97 -16.61
N ARG B 218 -4.84 -5.35 -17.77
CA ARG B 218 -4.04 -5.90 -18.86
C ARG B 218 -2.60 -5.39 -18.87
N ASP B 219 -2.27 -4.40 -18.05
CA ASP B 219 -0.91 -3.89 -17.96
C ASP B 219 -0.12 -4.81 -17.04
N MET B 220 0.46 -5.87 -17.62
CA MET B 220 1.10 -6.91 -16.82
C MET B 220 2.28 -6.35 -16.02
N ARG B 221 3.11 -5.53 -16.66
CA ARG B 221 4.30 -5.02 -15.98
C ARG B 221 3.93 -4.16 -14.79
N GLU B 222 2.77 -3.50 -14.82
CA GLU B 222 2.32 -2.70 -13.69
C GLU B 222 1.73 -3.58 -12.60
N LEU B 223 1.15 -4.72 -12.93
CA LEU B 223 0.57 -5.65 -11.93
C LEU B 223 1.69 -6.14 -11.02
N VAL B 224 2.78 -6.60 -11.60
CA VAL B 224 3.86 -7.16 -10.78
C VAL B 224 4.63 -6.05 -10.09
N ARG B 225 4.63 -4.84 -10.65
CA ARG B 225 5.27 -3.71 -9.98
C ARG B 225 4.46 -3.26 -8.78
N THR B 226 3.13 -3.28 -8.89
CA THR B 226 2.28 -2.93 -7.76
C THR B 226 2.46 -3.91 -6.61
N VAL B 227 2.76 -5.17 -6.92
CA VAL B 227 2.98 -6.17 -5.88
C VAL B 227 4.19 -5.80 -5.03
N GLU B 228 5.27 -5.33 -5.67
CA GLU B 228 6.44 -4.90 -4.95
C GLU B 228 6.23 -3.56 -4.29
N ARG B 229 5.74 -2.58 -5.05
CA ARG B 229 5.71 -1.20 -4.58
C ARG B 229 4.77 -1.01 -3.40
N ARG B 230 3.68 -1.77 -3.34
CA ARG B 230 2.67 -1.58 -2.30
C ARG B 230 2.49 -2.83 -1.45
N GLY B 231 3.49 -3.71 -1.41
CA GLY B 231 3.51 -4.80 -0.44
C GLY B 231 2.32 -5.72 -0.52
N ILE B 232 1.87 -6.06 -1.73
CA ILE B 232 0.74 -6.97 -1.87
C ILE B 232 1.06 -8.30 -1.22
N THR B 233 0.09 -8.82 -0.46
CA THR B 233 0.24 -10.10 0.21
C THR B 233 -0.66 -11.19 -0.34
N ILE B 234 -1.74 -10.83 -1.04
CA ILE B 234 -2.75 -11.79 -1.47
C ILE B 234 -3.07 -11.53 -2.95
N TRP B 235 -2.97 -12.58 -3.76
CA TRP B 235 -3.27 -12.53 -5.18
C TRP B 235 -4.38 -13.52 -5.47
N ASN B 236 -5.50 -13.02 -6.01
CA ASN B 236 -6.73 -13.81 -6.18
C ASN B 236 -7.25 -13.61 -7.60
N THR B 237 -6.85 -14.51 -8.50
CA THR B 237 -7.21 -14.40 -9.91
C THR B 237 -7.41 -15.79 -10.49
N VAL B 238 -7.72 -15.84 -11.78
CA VAL B 238 -7.74 -17.09 -12.54
C VAL B 238 -6.29 -17.41 -12.90
N PRO B 239 -5.96 -18.67 -13.22
CA PRO B 239 -4.55 -18.99 -13.51
C PRO B 239 -3.96 -18.19 -14.66
N ALA B 240 -4.75 -17.84 -15.68
CA ALA B 240 -4.20 -17.20 -16.87
C ALA B 240 -3.51 -15.88 -16.53
N ILE B 241 -4.09 -15.11 -15.60
CA ILE B 241 -3.57 -13.77 -15.32
C ILE B 241 -2.17 -13.87 -14.70
N MET B 242 -2.01 -14.74 -13.71
CA MET B 242 -0.69 -14.91 -13.10
C MET B 242 0.32 -15.38 -14.13
N ASP B 243 -0.10 -16.25 -15.05
CA ASP B 243 0.82 -16.76 -16.06
C ASP B 243 1.32 -15.63 -16.96
N LEU B 244 0.41 -14.78 -17.44
CA LEU B 244 0.82 -13.67 -18.30
C LEU B 244 1.63 -12.64 -17.53
N ALA B 245 1.38 -12.48 -16.24
CA ALA B 245 2.14 -11.53 -15.44
C ALA B 245 3.60 -11.95 -15.33
N LEU B 246 3.86 -13.25 -15.16
CA LEU B 246 5.22 -13.74 -15.01
C LEU B 246 5.99 -13.78 -16.31
N ASP B 247 5.38 -13.41 -17.43
CA ASP B 247 6.14 -13.24 -18.67
C ASP B 247 6.84 -11.89 -18.73
N HIS B 248 6.35 -10.90 -17.98
CA HIS B 248 6.91 -9.56 -17.96
C HIS B 248 7.72 -9.30 -16.70
N VAL B 249 8.46 -10.30 -16.23
CA VAL B 249 9.23 -10.20 -14.99
C VAL B 249 10.64 -10.72 -15.26
N GLY B 250 11.60 -10.14 -14.55
CA GLY B 250 12.99 -10.48 -14.77
C GLY B 250 13.31 -11.90 -14.37
N SER B 251 14.43 -12.41 -14.91
CA SER B 251 14.83 -13.79 -14.64
C SER B 251 15.12 -14.01 -13.17
N HIS B 252 15.70 -13.02 -12.49
CA HIS B 252 16.08 -13.13 -11.09
C HIS B 252 15.19 -12.30 -10.18
N PHE B 253 13.96 -12.01 -10.62
CA PHE B 253 13.00 -11.32 -9.77
C PHE B 253 12.58 -12.22 -8.62
N GLU B 254 12.35 -11.62 -7.46
CA GLU B 254 11.91 -12.38 -6.29
C GLU B 254 11.21 -11.43 -5.34
N ASN B 255 9.97 -11.76 -4.97
CA ASN B 255 9.16 -10.93 -4.09
C ASN B 255 8.75 -11.75 -2.87
N ILE B 256 8.82 -11.13 -1.70
CA ILE B 256 8.56 -11.83 -0.43
C ILE B 256 7.34 -11.29 0.30
N SER B 257 6.64 -10.30 -0.26
CA SER B 257 5.42 -9.83 0.38
C SER B 257 4.24 -10.75 0.07
N LEU B 258 4.21 -11.31 -1.13
CA LEU B 258 3.10 -12.17 -1.54
C LEU B 258 3.18 -13.50 -0.81
N ARG B 259 2.22 -13.76 0.08
CA ARG B 259 2.17 -15.01 0.84
C ARG B 259 1.09 -15.96 0.38
N LEU B 260 0.11 -15.49 -0.39
CA LEU B 260 -1.06 -16.29 -0.74
C LEU B 260 -1.46 -16.00 -2.17
N VAL B 261 -1.45 -17.04 -3.01
CA VAL B 261 -1.91 -16.95 -4.39
C VAL B 261 -3.15 -17.83 -4.51
N LEU B 262 -4.31 -17.22 -4.64
CA LEU B 262 -5.56 -17.95 -4.86
C LEU B 262 -5.82 -18.06 -6.36
N LEU B 263 -5.81 -19.28 -6.87
CA LEU B 263 -6.07 -19.55 -8.27
C LEU B 263 -7.32 -20.39 -8.39
N SER B 264 -8.31 -19.88 -9.12
CA SER B 264 -9.60 -20.52 -9.29
C SER B 264 -9.74 -20.96 -10.74
N GLY B 265 -9.87 -22.25 -10.95
CA GLY B 265 -9.91 -22.81 -12.29
C GLY B 265 -9.30 -24.19 -12.29
N ASP B 266 -9.69 -24.98 -13.29
CA ASP B 266 -9.17 -26.33 -13.45
C ASP B 266 -7.95 -26.39 -14.34
N TRP B 267 -7.70 -25.35 -15.14
CA TRP B 267 -6.70 -25.39 -16.19
C TRP B 267 -5.54 -24.49 -15.82
N ILE B 268 -4.42 -25.10 -15.45
CA ILE B 268 -3.22 -24.39 -15.02
C ILE B 268 -2.11 -24.74 -16.00
N PRO B 269 -1.48 -23.77 -16.67
CA PRO B 269 -0.33 -24.11 -17.53
C PRO B 269 0.75 -24.79 -16.72
N LEU B 270 1.31 -25.86 -17.29
CA LEU B 270 2.20 -26.83 -16.61
C LEU B 270 3.39 -26.23 -15.84
N PRO B 271 4.19 -25.29 -16.35
CA PRO B 271 5.32 -24.75 -15.58
C PRO B 271 4.95 -23.63 -14.63
N LEU B 272 3.65 -23.28 -14.52
CA LEU B 272 3.29 -22.12 -13.71
C LEU B 272 3.57 -22.35 -12.23
N PRO B 273 3.15 -23.45 -11.61
CA PRO B 273 3.50 -23.66 -10.19
C PRO B 273 4.99 -23.48 -9.90
N ALA B 274 5.85 -24.16 -10.65
CA ALA B 274 7.29 -23.98 -10.47
C ALA B 274 7.70 -22.53 -10.69
N LYS B 275 7.02 -21.82 -11.61
CA LYS B 275 7.36 -20.43 -11.86
C LYS B 275 6.94 -19.55 -10.69
N ILE B 276 5.74 -19.77 -10.13
CA ILE B 276 5.28 -18.95 -9.01
C ILE B 276 6.26 -19.04 -7.85
N ASN B 277 6.71 -20.25 -7.54
CA ASN B 277 7.57 -20.45 -6.37
C ASN B 277 9.02 -20.02 -6.61
N ARG B 278 9.42 -19.76 -7.86
CA ARG B 278 10.73 -19.17 -8.09
C ARG B 278 10.71 -17.66 -7.90
N HIS B 279 9.63 -17.00 -8.34
CA HIS B 279 9.51 -15.56 -8.23
C HIS B 279 8.69 -15.11 -7.01
N PHE B 280 7.98 -16.03 -6.36
CA PHE B 280 7.26 -15.74 -5.12
C PHE B 280 7.51 -16.89 -4.15
N PRO B 281 8.69 -16.92 -3.52
CA PRO B 281 9.03 -18.08 -2.68
C PRO B 281 8.18 -18.20 -1.43
N VAL B 282 7.79 -17.09 -0.81
CA VAL B 282 6.94 -17.13 0.38
C VAL B 282 5.51 -17.49 0.06
N ALA B 283 5.12 -17.43 -1.21
CA ALA B 283 3.71 -17.53 -1.56
C ALA B 283 3.21 -18.96 -1.45
N ASP B 284 2.07 -19.14 -0.78
CA ASP B 284 1.37 -20.41 -0.75
C ASP B 284 0.37 -20.43 -1.91
N VAL B 285 0.50 -21.41 -2.79
CA VAL B 285 -0.29 -21.49 -4.01
C VAL B 285 -1.46 -22.43 -3.76
N ILE B 286 -2.68 -21.91 -3.92
CA ILE B 286 -3.91 -22.64 -3.63
C ILE B 286 -4.71 -22.76 -4.91
N SER B 287 -5.14 -23.96 -5.26
CA SER B 287 -5.93 -24.22 -6.48
C SER B 287 -7.35 -24.63 -6.09
N LEU B 288 -8.20 -23.69 -5.73
CA LEU B 288 -9.59 -23.97 -5.37
C LEU B 288 -10.51 -23.81 -6.57
N1 FMN C . 32.61 29.57 8.95
C2 FMN C . 33.24 30.71 8.61
O2 FMN C . 33.38 31.61 9.45
N3 FMN C . 33.75 30.92 7.42
C4 FMN C . 33.66 30.02 6.47
O4 FMN C . 34.14 30.27 5.35
C4A FMN C . 32.97 28.75 6.74
N5 FMN C . 32.84 27.80 5.82
C5A FMN C . 32.21 26.65 6.09
C6 FMN C . 32.10 25.69 5.13
C7 FMN C . 31.46 24.50 5.42
C7M FMN C . 31.32 23.45 4.38
C8 FMN C . 30.90 24.28 6.75
C8M FMN C . 30.21 22.99 7.04
C9 FMN C . 31.02 25.23 7.72
C9A FMN C . 31.66 26.41 7.44
N10 FMN C . 31.79 27.40 8.39
C10 FMN C . 32.44 28.58 8.07
C1' FMN C . 31.25 27.18 9.71
C2' FMN C . 29.81 27.63 9.78
O2' FMN C . 29.74 28.90 9.14
C3' FMN C . 29.33 27.80 11.20
O3' FMN C . 30.40 27.70 12.14
C4' FMN C . 28.33 26.76 11.60
O4' FMN C . 27.60 27.36 12.65
C5' FMN C . 28.98 25.49 12.09
O5' FMN C . 29.46 25.65 13.42
P FMN C . 28.50 25.53 14.66
O1P FMN C . 27.23 25.97 14.09
O2P FMN C . 28.63 24.13 15.13
O3P FMN C . 29.00 26.50 15.64
HN3 FMN C . 34.23 31.83 7.23
H6 FMN C . 32.51 25.85 4.14
HM71 FMN C . 31.81 22.58 4.71
HM72 FMN C . 31.74 23.78 3.48
HM73 FMN C . 30.28 23.23 4.24
HM81 FMN C . 29.45 22.83 6.32
HM82 FMN C . 29.78 23.03 8.01
HM83 FMN C . 30.91 22.19 7.01
H9 FMN C . 30.60 25.05 8.70
H1'1 FMN C . 31.31 26.11 9.98
H1'2 FMN C . 31.84 27.72 10.44
H2' FMN C . 29.17 26.90 9.26
HO2' FMN C . 29.10 28.86 8.41
H3' FMN C . 28.85 28.78 11.29
HO3' FMN C . 30.50 28.54 12.60
H4' FMN C . 27.67 26.53 10.75
HO4' FMN C . 27.08 28.10 12.31
H5'1 FMN C . 29.82 25.23 11.44
H5'2 FMN C . 28.27 24.66 12.06
#